data_3UIA
#
_entry.id   3UIA
#
_cell.length_a   78.027
_cell.length_b   76.316
_cell.length_c   65.731
_cell.angle_alpha   90.00
_cell.angle_beta   104.86
_cell.angle_gamma   90.00
#
_symmetry.space_group_name_H-M   'C 1 2 1'
#
loop_
_entity.id
_entity.type
_entity.pdbx_description
1 polymer 'Glycoprotein 41'
2 non-polymer 'CHLORIDE ION'
3 non-polymer (4S)-2-METHYL-2,4-PENTANEDIOL
4 water water
#
_entity_poly.entity_id   1
_entity_poly.type   'polypeptide(L)'
_entity_poly.pdbx_seq_one_letter_code
;QARQLLSGIVQQQNNLLRAIEAQQHLLQLTVWGLKQIQARILAVERYLKDQQL
;
_entity_poly.pdbx_strand_id   A,B,C
#
loop_
_chem_comp.id
_chem_comp.type
_chem_comp.name
_chem_comp.formula
CL non-polymer 'CHLORIDE ION' 'Cl -1'
MPD non-polymer (4S)-2-METHYL-2,4-PENTANEDIOL 'C6 H14 O2'
#
# COMPACT_ATOMS: atom_id res chain seq x y z
N GLN A 1 -35.69 12.58 1.10
CA GLN A 1 -35.31 13.58 2.19
C GLN A 1 -34.49 12.97 3.34
N ALA A 2 -35.15 12.38 4.33
CA ALA A 2 -34.47 11.44 5.24
C ALA A 2 -34.04 10.28 4.35
N ARG A 3 -34.97 9.81 3.54
CA ARG A 3 -34.74 8.74 2.62
C ARG A 3 -33.66 9.05 1.54
N GLN A 4 -33.66 10.26 0.96
CA GLN A 4 -32.60 10.61 0.02
C GLN A 4 -31.28 10.75 0.76
N LEU A 5 -31.32 11.32 1.97
CA LEU A 5 -30.10 11.47 2.74
C LEU A 5 -29.49 10.09 3.03
N LEU A 6 -30.32 9.19 3.49
CA LEU A 6 -29.89 7.91 3.91
C LEU A 6 -29.40 7.16 2.71
N SER A 7 -30.12 7.26 1.60
CA SER A 7 -29.68 6.72 0.29
C SER A 7 -28.29 7.18 -0.19
N GLY A 8 -28.03 8.49 -0.14
CA GLY A 8 -26.73 9.06 -0.36
C GLY A 8 -25.64 8.56 0.60
N ILE A 9 -25.97 8.42 1.88
CA ILE A 9 -24.95 7.97 2.86
C ILE A 9 -24.65 6.49 2.53
N VAL A 10 -25.67 5.70 2.23
CA VAL A 10 -25.43 4.28 1.87
C VAL A 10 -24.55 4.16 0.61
N GLN A 11 -24.87 4.93 -0.42
CA GLN A 11 -24.11 4.83 -1.66
C GLN A 11 -22.68 5.25 -1.43
N GLN A 12 -22.45 6.30 -0.65
CA GLN A 12 -21.06 6.73 -0.38
C GLN A 12 -20.31 5.70 0.43
N GLN A 13 -21.01 5.02 1.32
CA GLN A 13 -20.37 3.99 2.13
C GLN A 13 -19.97 2.83 1.25
N ASN A 14 -20.89 2.36 0.37
CA ASN A 14 -20.51 1.44 -0.64
C ASN A 14 -19.34 1.90 -1.50
N ASN A 15 -19.32 3.17 -1.96
CA ASN A 15 -18.14 3.65 -2.66
C ASN A 15 -16.86 3.56 -1.87
N LEU A 16 -16.92 3.83 -0.57
CA LEU A 16 -15.70 3.78 0.23
C LEU A 16 -15.24 2.34 0.45
N LEU A 17 -16.14 1.41 0.62
CA LEU A 17 -15.74 0.02 0.77
C LEU A 17 -15.09 -0.47 -0.51
N ARG A 18 -15.71 -0.10 -1.64
CA ARG A 18 -15.09 -0.46 -2.95
C ARG A 18 -13.67 0.11 -3.15
N ALA A 19 -13.48 1.38 -2.74
CA ALA A 19 -12.16 2.05 -2.82
C ALA A 19 -11.11 1.34 -1.91
N ILE A 20 -11.41 1.00 -0.66
CA ILE A 20 -10.43 0.28 0.16
C ILE A 20 -10.15 -1.13 -0.32
N GLU A 21 -11.14 -1.80 -0.90
CA GLU A 21 -10.94 -3.11 -1.44
C GLU A 21 -9.95 -3.04 -2.61
N ALA A 22 -10.11 -2.05 -3.50
CA ALA A 22 -9.15 -1.82 -4.56
C ALA A 22 -7.76 -1.54 -4.01
N GLN A 23 -7.64 -0.74 -2.94
CA GLN A 23 -6.33 -0.45 -2.38
C GLN A 23 -5.74 -1.72 -1.78
N GLN A 24 -6.54 -2.51 -1.09
CA GLN A 24 -6.07 -3.73 -0.46
C GLN A 24 -5.49 -4.68 -1.54
N HIS A 25 -6.22 -4.81 -2.64
CA HIS A 25 -5.78 -5.68 -3.73
C HIS A 25 -4.44 -5.18 -4.35
N LEU A 26 -4.36 -3.87 -4.56
CA LEU A 26 -3.11 -3.22 -5.14
C LEU A 26 -1.94 -3.32 -4.13
N LEU A 27 -2.24 -3.14 -2.84
CA LEU A 27 -1.19 -3.27 -1.90
C LEU A 27 -0.75 -4.78 -1.83
N GLN A 28 -1.66 -5.74 -1.94
CA GLN A 28 -1.30 -7.18 -1.87
C GLN A 28 -0.29 -7.50 -3.06
N LEU A 29 -0.61 -6.94 -4.22
CA LEU A 29 0.14 -7.16 -5.45
C LEU A 29 1.53 -6.51 -5.28
N THR A 30 1.56 -5.33 -4.67
CA THR A 30 2.84 -4.58 -4.40
C THR A 30 3.75 -5.34 -3.42
N VAL A 31 3.16 -5.96 -2.39
CA VAL A 31 3.89 -6.70 -1.42
C VAL A 31 4.45 -7.98 -2.05
N TRP A 32 3.64 -8.65 -2.88
CA TRP A 32 4.14 -9.76 -3.69
C TRP A 32 5.35 -9.38 -4.54
N GLY A 33 5.30 -8.22 -5.19
CA GLY A 33 6.35 -7.75 -6.10
C GLY A 33 7.60 -7.42 -5.30
N LEU A 34 7.41 -6.84 -4.14
CA LEU A 34 8.54 -6.57 -3.27
C LEU A 34 9.25 -7.91 -2.80
N LYS A 35 8.46 -8.95 -2.58
CA LYS A 35 9.01 -10.28 -2.26
C LYS A 35 9.84 -10.78 -3.43
N GLN A 36 9.45 -10.40 -4.64
CA GLN A 36 10.13 -10.91 -5.82
C GLN A 36 11.49 -10.22 -5.93
N ILE A 37 11.58 -8.94 -5.66
CA ILE A 37 12.83 -8.18 -5.76
C ILE A 37 13.82 -8.54 -4.66
N GLN A 38 13.32 -8.75 -3.43
CA GLN A 38 14.03 -9.36 -2.34
C GLN A 38 14.75 -10.66 -2.78
N ALA A 39 14.01 -11.56 -3.42
CA ALA A 39 14.59 -12.74 -4.01
C ALA A 39 15.70 -12.38 -4.96
N ARG A 40 15.45 -11.40 -5.84
CA ARG A 40 16.45 -11.03 -6.88
C ARG A 40 17.71 -10.44 -6.27
N ILE A 41 17.54 -9.57 -5.28
CA ILE A 41 18.72 -8.99 -4.67
C ILE A 41 19.50 -10.05 -3.94
N LEU A 42 18.78 -10.98 -3.32
CA LEU A 42 19.44 -12.00 -2.53
C LEU A 42 20.32 -12.84 -3.42
N ALA A 43 19.80 -13.18 -4.60
CA ALA A 43 20.53 -13.94 -5.61
C ALA A 43 21.78 -13.21 -6.12
N VAL A 44 21.68 -11.91 -6.27
CA VAL A 44 22.81 -11.04 -6.71
C VAL A 44 23.83 -10.97 -5.58
N GLU A 45 23.41 -10.78 -4.32
CA GLU A 45 24.36 -10.83 -3.20
C GLU A 45 25.05 -12.20 -3.14
N ARG A 46 24.27 -13.30 -3.27
CA ARG A 46 24.84 -14.71 -3.16
C ARG A 46 25.90 -14.86 -4.23
N TYR A 47 25.58 -14.46 -5.44
CA TYR A 47 26.52 -14.51 -6.59
C TYR A 47 27.76 -13.77 -6.28
N LEU A 48 27.60 -12.50 -5.94
CA LEU A 48 28.77 -11.63 -5.67
C LEU A 48 29.66 -12.12 -4.58
N LYS A 49 29.03 -12.67 -3.52
CA LYS A 49 29.75 -13.25 -2.39
C LYS A 49 30.47 -14.51 -2.85
N ASP A 50 29.84 -15.27 -3.77
CA ASP A 50 30.52 -16.52 -4.28
C ASP A 50 31.68 -16.08 -5.21
N GLN A 51 31.54 -14.98 -5.93
CA GLN A 51 32.57 -14.50 -6.92
C GLN A 51 33.73 -13.65 -6.33
N GLN A 52 33.47 -13.04 -5.18
CA GLN A 52 34.48 -12.31 -4.37
C GLN A 52 35.91 -12.87 -4.36
N LEU A 53 36.86 -12.01 -4.70
CA LEU A 53 38.29 -12.42 -4.61
C LEU A 53 38.67 -12.66 -3.17
N GLN B 1 -31.45 11.49 18.89
CA GLN B 1 -32.17 12.35 17.92
C GLN B 1 -31.57 12.29 16.51
N ALA B 2 -32.45 12.34 15.50
CA ALA B 2 -32.06 12.13 14.09
C ALA B 2 -30.96 13.07 13.58
N ARG B 3 -31.15 14.38 13.73
CA ARG B 3 -30.20 15.37 13.22
C ARG B 3 -28.81 15.20 13.77
N GLN B 4 -28.67 15.02 15.08
CA GLN B 4 -27.31 14.81 15.63
C GLN B 4 -26.69 13.49 15.18
N LEU B 5 -27.47 12.39 15.17
CA LEU B 5 -26.94 11.11 14.73
C LEU B 5 -26.51 11.25 13.25
N LEU B 6 -27.37 11.84 12.42
CA LEU B 6 -27.04 11.87 11.01
C LEU B 6 -25.91 12.81 10.70
N SER B 7 -25.84 13.95 11.40
CA SER B 7 -24.63 14.79 11.32
C SER B 7 -23.36 14.07 11.73
N GLY B 8 -23.40 13.28 12.78
CA GLY B 8 -22.19 12.53 13.22
C GLY B 8 -21.75 11.49 12.16
N ILE B 9 -22.72 10.78 11.57
CA ILE B 9 -22.44 9.78 10.56
C ILE B 9 -21.87 10.48 9.29
N VAL B 10 -22.47 11.58 8.85
CA VAL B 10 -21.94 12.31 7.67
C VAL B 10 -20.53 12.84 7.93
N GLN B 11 -20.28 13.40 9.11
CA GLN B 11 -18.95 13.83 9.42
C GLN B 11 -17.94 12.68 9.45
N GLN B 12 -18.28 11.59 10.08
CA GLN B 12 -17.43 10.44 10.06
C GLN B 12 -17.19 9.95 8.62
N GLN B 13 -18.20 9.94 7.77
CA GLN B 13 -18.05 9.47 6.41
C GLN B 13 -16.98 10.36 5.70
N ASN B 14 -17.06 11.67 5.89
CA ASN B 14 -16.04 12.55 5.33
C ASN B 14 -14.67 12.24 5.89
N ASN B 15 -14.57 11.95 7.20
CA ASN B 15 -13.30 11.58 7.85
C ASN B 15 -12.67 10.32 7.24
N LEU B 16 -13.47 9.28 7.05
CA LEU B 16 -13.08 8.10 6.42
C LEU B 16 -12.61 8.34 4.97
N LEU B 17 -13.34 9.14 4.24
CA LEU B 17 -12.95 9.42 2.83
C LEU B 17 -11.53 10.06 2.87
N ARG B 18 -11.37 11.06 3.73
CA ARG B 18 -10.06 11.69 3.86
C ARG B 18 -8.89 10.79 4.17
N ALA B 19 -9.08 9.89 5.13
CA ALA B 19 -8.13 8.83 5.51
C ALA B 19 -7.82 7.90 4.31
N ILE B 20 -8.84 7.48 3.59
CA ILE B 20 -8.62 6.62 2.41
C ILE B 20 -7.87 7.39 1.29
N GLU B 21 -8.17 8.67 1.08
CA GLU B 21 -7.38 9.49 0.17
C GLU B 21 -5.92 9.65 0.58
N ALA B 22 -5.63 9.89 1.88
CA ALA B 22 -4.26 9.82 2.34
C ALA B 22 -3.56 8.46 2.11
N GLN B 23 -4.23 7.34 2.38
CA GLN B 23 -3.62 6.05 2.19
C GLN B 23 -3.42 5.81 0.68
N GLN B 24 -4.23 6.46 -0.17
CA GLN B 24 -4.02 6.31 -1.65
C GLN B 24 -2.67 6.89 -2.06
N HIS B 25 -2.35 8.07 -1.53
CA HIS B 25 -1.04 8.70 -1.84
C HIS B 25 0.11 7.76 -1.35
N LEU B 26 0.02 7.30 -0.13
CA LEU B 26 1.05 6.34 0.37
C LEU B 26 1.13 5.08 -0.48
N LEU B 27 0.02 4.46 -0.79
CA LEU B 27 0.03 3.33 -1.61
C LEU B 27 0.68 3.65 -2.98
N GLN B 28 0.28 4.71 -3.65
CA GLN B 28 0.98 5.03 -4.89
C GLN B 28 2.50 5.27 -4.72
N LEU B 29 2.93 5.81 -3.59
CA LEU B 29 4.38 5.87 -3.31
C LEU B 29 5.08 4.56 -3.20
N THR B 30 4.39 3.55 -2.64
CA THR B 30 4.93 2.17 -2.60
C THR B 30 5.02 1.52 -4.01
N VAL B 31 4.02 1.75 -4.85
CA VAL B 31 4.01 1.30 -6.25
C VAL B 31 5.17 1.95 -7.00
N TRP B 32 5.34 3.24 -6.83
CA TRP B 32 6.46 3.96 -7.45
C TRP B 32 7.79 3.43 -6.93
N GLY B 33 7.87 3.18 -5.62
CA GLY B 33 9.08 2.68 -4.97
C GLY B 33 9.46 1.27 -5.49
N LEU B 34 8.47 0.39 -5.64
CA LEU B 34 8.73 -0.92 -6.15
C LEU B 34 9.28 -0.84 -7.58
N LYS B 35 8.70 0.06 -8.39
CA LYS B 35 9.12 0.31 -9.78
C LYS B 35 10.53 0.78 -9.88
N GLN B 36 10.98 1.68 -9.00
CA GLN B 36 12.31 2.22 -9.01
C GLN B 36 13.31 1.09 -8.63
N ILE B 37 13.01 0.26 -7.65
CA ILE B 37 14.00 -0.79 -7.27
C ILE B 37 14.05 -1.91 -8.31
N GLN B 38 12.89 -2.23 -8.90
CA GLN B 38 12.84 -3.10 -10.07
C GLN B 38 13.81 -2.68 -11.15
N ALA B 39 13.74 -1.42 -11.59
CA ALA B 39 14.70 -0.85 -12.56
C ALA B 39 16.12 -0.96 -12.12
N ARG B 40 16.38 -0.66 -10.84
CA ARG B 40 17.74 -0.71 -10.33
C ARG B 40 18.33 -2.14 -10.29
N ILE B 41 17.53 -3.12 -9.89
CA ILE B 41 18.02 -4.49 -9.83
C ILE B 41 18.25 -5.01 -11.27
N LEU B 42 17.38 -4.64 -12.18
CA LEU B 42 17.48 -5.08 -13.58
C LEU B 42 18.75 -4.55 -14.20
N ALA B 43 19.04 -3.28 -13.91
CA ALA B 43 20.26 -2.61 -14.36
C ALA B 43 21.50 -3.31 -13.81
N VAL B 44 21.48 -3.71 -12.55
CA VAL B 44 22.60 -4.55 -11.99
C VAL B 44 22.72 -5.93 -12.64
N GLU B 45 21.60 -6.61 -12.77
CA GLU B 45 21.58 -7.94 -13.32
C GLU B 45 22.17 -7.91 -14.71
N ARG B 46 21.77 -6.90 -15.47
CA ARG B 46 22.30 -6.76 -16.83
C ARG B 46 23.79 -6.46 -16.88
N TYR B 47 24.27 -5.54 -16.03
CA TYR B 47 25.71 -5.25 -15.87
C TYR B 47 26.47 -6.51 -15.55
N LEU B 48 25.92 -7.34 -14.67
CA LEU B 48 26.68 -8.52 -14.23
C LEU B 48 26.74 -9.56 -15.37
N LYS B 49 25.67 -9.63 -16.16
CA LYS B 49 25.61 -10.47 -17.37
C LYS B 49 26.58 -9.98 -18.44
N ASP B 50 26.54 -8.69 -18.71
CA ASP B 50 27.46 -8.05 -19.65
C ASP B 50 28.94 -8.20 -19.28
N GLN B 51 29.24 -8.19 -18.00
CA GLN B 51 30.65 -8.18 -17.54
C GLN B 51 31.24 -9.58 -17.29
N GLN B 52 30.36 -10.59 -17.29
CA GLN B 52 30.84 -11.93 -17.02
C GLN B 52 31.92 -12.36 -18.01
N LEU B 53 32.76 -13.29 -17.60
CA LEU B 53 33.92 -13.72 -18.39
C LEU B 53 33.51 -14.62 -19.58
N GLN C 1 -37.52 0.60 9.85
CA GLN C 1 -36.28 0.14 9.24
C GLN C 1 -35.19 1.13 9.43
N ALA C 2 -35.51 2.39 9.72
CA ALA C 2 -34.44 3.40 9.73
C ALA C 2 -33.44 3.21 10.91
N ARG C 3 -33.92 2.81 12.08
CA ARG C 3 -32.96 2.63 13.19
C ARG C 3 -32.03 1.44 12.88
N GLN C 4 -32.58 0.36 12.34
CA GLN C 4 -31.76 -0.81 11.93
C GLN C 4 -30.75 -0.45 10.80
N LEU C 5 -31.26 0.26 9.80
CA LEU C 5 -30.35 0.76 8.72
C LEU C 5 -29.20 1.64 9.27
N LEU C 6 -29.56 2.63 10.07
CA LEU C 6 -28.59 3.45 10.82
C LEU C 6 -27.61 2.65 11.68
N SER C 7 -28.10 1.62 12.41
CA SER C 7 -27.27 0.74 13.17
C SER C 7 -26.23 0.05 12.24
N GLY C 8 -26.69 -0.47 11.08
CA GLY C 8 -25.81 -1.08 10.07
C GLY C 8 -24.77 -0.12 9.50
N ILE C 9 -25.21 1.09 9.16
CA ILE C 9 -24.27 2.10 8.68
C ILE C 9 -23.19 2.36 9.74
N VAL C 10 -23.62 2.56 10.99
CA VAL C 10 -22.63 2.84 12.02
C VAL C 10 -21.71 1.66 12.17
N GLN C 11 -22.21 0.43 12.15
CA GLN C 11 -21.29 -0.75 12.29
C GLN C 11 -20.26 -0.80 11.13
N GLN C 12 -20.73 -0.52 9.95
CA GLN C 12 -19.84 -0.52 8.75
C GLN C 12 -18.83 0.64 8.80
N GLN C 13 -19.22 1.79 9.31
CA GLN C 13 -18.20 2.84 9.59
C GLN C 13 -17.10 2.34 10.57
N ASN C 14 -17.48 1.65 11.65
CA ASN C 14 -16.51 1.13 12.63
C ASN C 14 -15.60 0.07 11.94
N ASN C 15 -16.18 -0.76 11.10
CA ASN C 15 -15.41 -1.79 10.39
C ASN C 15 -14.51 -1.12 9.27
N LEU C 16 -14.96 -0.03 8.65
CA LEU C 16 -14.14 0.70 7.69
C LEU C 16 -12.98 1.28 8.44
N LEU C 17 -13.27 1.88 9.61
CA LEU C 17 -12.23 2.37 10.47
C LEU C 17 -11.15 1.31 10.82
N ARG C 18 -11.55 0.12 11.27
CA ARG C 18 -10.60 -0.98 11.54
C ARG C 18 -9.82 -1.40 10.27
N ALA C 19 -10.46 -1.46 9.10
CA ALA C 19 -9.77 -1.77 7.84
C ALA C 19 -8.68 -0.71 7.47
N ILE C 20 -9.02 0.55 7.65
CA ILE C 20 -8.06 1.68 7.46
C ILE C 20 -6.85 1.59 8.40
N GLU C 21 -7.10 1.40 9.70
CA GLU C 21 -6.03 1.09 10.66
C GLU C 21 -5.14 -0.13 10.28
N ALA C 22 -5.74 -1.24 9.83
CA ALA C 22 -4.94 -2.40 9.38
C ALA C 22 -4.15 -2.10 8.11
N GLN C 23 -4.73 -1.31 7.22
CA GLN C 23 -3.97 -0.92 6.02
C GLN C 23 -2.86 0.12 6.33
N GLN C 24 -3.07 1.02 7.28
CA GLN C 24 -1.98 1.89 7.77
C GLN C 24 -0.74 1.07 8.15
N HIS C 25 -0.93 0.09 9.06
CA HIS C 25 0.14 -0.82 9.51
C HIS C 25 0.85 -1.57 8.36
N LEU C 26 0.07 -2.18 7.47
CA LEU C 26 0.63 -2.85 6.29
C LEU C 26 1.40 -1.91 5.35
N LEU C 27 0.91 -0.70 5.15
CA LEU C 27 1.64 0.27 4.35
C LEU C 27 2.93 0.63 5.01
N GLN C 28 2.90 0.81 6.33
CA GLN C 28 4.12 1.18 7.09
C GLN C 28 5.20 0.07 6.98
N LEU C 29 4.78 -1.18 7.07
CA LEU C 29 5.64 -2.36 6.99
C LEU C 29 6.16 -2.47 5.58
N THR C 30 5.31 -2.15 4.61
CA THR C 30 5.72 -2.17 3.22
C THR C 30 6.76 -1.07 2.88
N VAL C 31 6.55 0.16 3.35
CA VAL C 31 7.61 1.17 3.32
C VAL C 31 8.94 0.70 3.97
N TRP C 32 8.88 0.27 5.22
CA TRP C 32 10.07 -0.27 5.85
C TRP C 32 10.75 -1.28 4.93
N GLY C 33 9.99 -2.23 4.36
CA GLY C 33 10.55 -3.31 3.51
C GLY C 33 11.16 -2.78 2.25
N LEU C 34 10.51 -1.82 1.64
CA LEU C 34 11.09 -1.11 0.52
C LEU C 34 12.41 -0.43 0.86
N LYS C 35 12.43 0.27 1.96
CA LYS C 35 13.66 0.93 2.38
C LYS C 35 14.78 -0.04 2.62
N GLN C 36 14.46 -1.21 3.14
CA GLN C 36 15.49 -2.27 3.36
C GLN C 36 16.08 -2.79 2.05
N ILE C 37 15.24 -3.05 1.05
CA ILE C 37 15.72 -3.50 -0.25
C ILE C 37 16.47 -2.38 -0.95
N GLN C 38 15.97 -1.13 -0.90
CA GLN C 38 16.74 -0.01 -1.45
C GLN C 38 18.18 0.03 -0.91
N ALA C 39 18.34 -0.04 0.42
CA ALA C 39 19.68 -0.07 1.02
C ALA C 39 20.58 -1.22 0.51
N ARG C 40 20.02 -2.42 0.37
CA ARG C 40 20.73 -3.60 -0.14
C ARG C 40 21.16 -3.36 -1.60
N ILE C 41 20.28 -2.80 -2.42
CA ILE C 41 20.66 -2.53 -3.84
C ILE C 41 21.71 -1.42 -3.87
N LEU C 42 21.55 -0.42 -2.99
CA LEU C 42 22.58 0.64 -2.88
C LEU C 42 23.97 0.10 -2.53
N ALA C 43 24.03 -0.81 -1.55
CA ALA C 43 25.27 -1.44 -1.17
C ALA C 43 25.88 -2.21 -2.36
N VAL C 44 25.06 -2.94 -3.13
CA VAL C 44 25.52 -3.67 -4.32
C VAL C 44 26.05 -2.67 -5.35
N GLU C 45 25.30 -1.61 -5.62
CA GLU C 45 25.73 -0.61 -6.61
C GLU C 45 27.05 0.01 -6.18
N ARG C 46 27.22 0.40 -4.91
CA ARG C 46 28.53 0.93 -4.44
C ARG C 46 29.67 -0.08 -4.52
N TYR C 47 29.43 -1.32 -4.09
CA TYR C 47 30.42 -2.39 -4.26
C TYR C 47 30.87 -2.54 -5.72
N LEU C 48 29.93 -2.52 -6.66
CA LEU C 48 30.23 -2.71 -8.05
C LEU C 48 31.01 -1.52 -8.66
N LYS C 49 30.58 -0.30 -8.35
CA LYS C 49 31.32 0.92 -8.69
C LYS C 49 32.73 0.92 -8.13
N ASP C 50 32.94 0.28 -6.98
CA ASP C 50 34.30 0.24 -6.38
C ASP C 50 35.24 -0.82 -7.01
N GLN C 51 34.67 -1.92 -7.49
CA GLN C 51 35.45 -2.98 -8.13
C GLN C 51 35.63 -2.78 -9.63
N GLN C 52 35.14 -1.67 -10.18
CA GLN C 52 35.00 -1.53 -11.64
C GLN C 52 36.26 -1.65 -12.52
CL CL D . -19.17 5.54 5.73
C1 MPD E . 27.12 -8.28 -1.79
C2 MPD E . 28.09 -7.23 -1.30
O2 MPD E . 27.80 -5.96 -1.94
CM MPD E . 27.89 -7.02 0.18
C3 MPD E . 29.50 -7.74 -1.64
C4 MPD E . 29.74 -9.10 -1.00
O4 MPD E . 30.89 -9.63 -1.60
C5 MPD E . 29.91 -9.07 0.52
C1 MPD F . 22.45 -11.60 -12.22
C2 MPD F . 23.09 -12.93 -11.84
O2 MPD F . 23.24 -13.06 -10.40
CM MPD F . 22.15 -14.05 -12.28
C3 MPD F . 24.49 -12.95 -12.46
C4 MPD F . 24.69 -13.69 -13.78
O4 MPD F . 25.91 -13.25 -14.34
C5 MPD F . 24.73 -15.21 -13.57
C1 MPD G . -0.54 7.30 7.76
C2 MPD G . -1.34 7.02 6.48
O2 MPD G . -0.59 7.62 5.40
CM MPD G . -1.36 5.52 6.28
C3 MPD G . -2.71 7.72 6.48
C4 MPD G . -3.63 7.33 7.66
O4 MPD G . -5.00 7.65 7.38
C5 MPD G . -3.58 5.85 7.89
C1 MPD H . 25.16 -1.58 -12.38
C2 MPD H . 25.95 -0.39 -11.89
O2 MPD H . 25.49 0.76 -12.66
CM MPD H . 25.71 -0.12 -10.42
C3 MPD H . 27.45 -0.68 -12.06
C4 MPD H . 28.43 0.47 -11.89
O4 MPD H . 29.78 -0.01 -12.03
C5 MPD H . 28.21 1.58 -12.93
#